data_5C86
#
_entry.id   5C86
#
_cell.length_a   123.710
_cell.length_b   123.710
_cell.length_c   52.640
_cell.angle_alpha   90.00
_cell.angle_beta   90.00
_cell.angle_gamma   120.00
#
_symmetry.space_group_name_H-M   'P 61'
#
loop_
_entity.id
_entity.type
_entity.pdbx_description
1 polymer 'Kelch domain-containing protein'
2 water water
#
_entity_poly.entity_id   1
_entity_poly.type   'polypeptide(L)'
_entity_poly.pdbx_seq_one_letter_code
;QNVGKWGPMVKFPVVPVAVALVPETGNLLVWSSGWPNRWTTAGNGKTYTSLYNVNTGNISDAIVQNTQHDMFCPGTSLDA
DGRIIVTGGSSAAKTSVLDFKKGESSPWTPLSNMQISRGYQSSCTTSEGKIFVIGGSFSGAGTRNGEVYDPKANTWTKLA
GCPVKPLVMQRGMFPDSHAWLWSWKNGSVLQAGPSKKMNWYDTKGTGSNTPAGLRGTDEDSMCGVSVMYDAVAGKIFTYG
GGKGYTGYDSTSNAHILTLGEPGQAVQVQKLANGKYNRGFANAVVMPDGKIWVVGGMQKMWLFSDTTPQLTPELFDPATG
SFTPTTPHTVPRNYHSTALLMADATIWSGGGGLCGANCKENHFDGQFWSPPYLFEADGVTPAKRPVIQSLSDTAVRAGAP
ITITMQDAGAYTFSMIRVSATTHTVNTDQRRIPLDGQDGGDGKSFTVNVPNDYGVAIPGYYMLFAMNEAGVPCVAQFFKV
TLHHHHHH
;
_entity_poly.pdbx_strand_id   A
#
# COMPACT_ATOMS: atom_id res chain seq x y z
N ASN A 2 -1.03 -10.03 23.15
CA ASN A 2 -1.46 -9.47 21.86
C ASN A 2 -0.25 -9.14 21.00
N VAL A 3 0.69 -10.06 20.98
CA VAL A 3 1.89 -9.87 20.24
C VAL A 3 1.90 -10.61 18.90
N GLY A 4 0.93 -11.54 18.64
CA GLY A 4 0.97 -12.31 17.46
C GLY A 4 2.12 -13.24 17.40
N LYS A 5 2.48 -13.63 16.23
CA LYS A 5 3.53 -14.62 16.04
C LYS A 5 4.13 -14.49 14.69
N TRP A 6 5.46 -14.67 14.56
CA TRP A 6 6.13 -14.74 13.31
C TRP A 6 6.19 -16.14 12.76
N GLY A 7 6.03 -16.31 11.48
CA GLY A 7 6.31 -17.57 10.83
C GLY A 7 7.79 -17.72 10.48
N PRO A 8 8.11 -18.77 9.75
CA PRO A 8 9.52 -18.95 9.44
C PRO A 8 10.05 -17.95 8.43
N MET A 9 11.38 -17.75 8.44
N MET A 9 11.37 -17.85 8.40
CA MET A 9 12.00 -16.83 7.50
CA MET A 9 12.06 -17.05 7.44
C MET A 9 11.87 -17.40 6.09
C MET A 9 11.72 -17.50 6.03
N VAL A 10 11.49 -16.52 5.16
CA VAL A 10 11.26 -16.76 3.77
C VAL A 10 12.39 -16.00 3.08
N LYS A 11 13.05 -16.63 2.12
CA LYS A 11 14.20 -16.01 1.47
C LYS A 11 14.02 -15.92 0.00
N PHE A 12 14.11 -14.73 -0.56
CA PHE A 12 13.95 -14.55 -1.92
C PHE A 12 15.34 -14.46 -2.63
N PRO A 13 15.37 -14.73 -3.91
CA PRO A 13 16.65 -14.62 -4.64
C PRO A 13 16.91 -13.16 -5.04
N VAL A 14 15.98 -12.20 -4.75
CA VAL A 14 16.23 -10.74 -5.05
C VAL A 14 15.78 -9.99 -3.79
N VAL A 15 16.32 -8.79 -3.48
CA VAL A 15 15.89 -8.09 -2.30
C VAL A 15 14.47 -7.55 -2.65
N PRO A 16 13.50 -7.87 -1.74
CA PRO A 16 12.09 -7.55 -2.04
C PRO A 16 11.77 -6.10 -1.67
N VAL A 17 12.27 -5.21 -2.49
CA VAL A 17 12.18 -3.78 -2.28
C VAL A 17 10.78 -3.25 -2.71
N ALA A 18 10.15 -3.95 -3.59
CA ALA A 18 8.81 -3.63 -4.07
C ALA A 18 8.08 -4.95 -3.98
N VAL A 19 6.81 -4.93 -3.54
CA VAL A 19 6.01 -6.13 -3.44
C VAL A 19 4.58 -5.84 -3.84
N ALA A 20 3.89 -6.85 -4.37
CA ALA A 20 2.49 -6.71 -4.80
C ALA A 20 1.75 -7.96 -4.50
N LEU A 21 0.51 -7.85 -4.05
CA LEU A 21 -0.33 -9.05 -3.85
C LEU A 21 -1.02 -9.33 -5.14
N VAL A 22 -0.90 -10.57 -5.64
CA VAL A 22 -1.50 -10.92 -6.91
C VAL A 22 -3.02 -11.23 -6.71
N PRO A 23 -3.86 -10.51 -7.43
CA PRO A 23 -5.29 -10.87 -7.30
C PRO A 23 -5.61 -12.31 -7.57
N GLU A 24 -6.70 -12.75 -6.96
N GLU A 24 -6.62 -12.83 -6.86
CA GLU A 24 -7.29 -14.08 -7.15
CA GLU A 24 -7.25 -14.15 -7.04
C GLU A 24 -6.43 -15.21 -6.54
C GLU A 24 -6.41 -15.24 -6.45
N THR A 25 -5.10 -15.26 -6.77
CA THR A 25 -4.25 -16.30 -6.11
C THR A 25 -3.79 -15.89 -4.75
N GLY A 26 -3.61 -14.57 -4.59
CA GLY A 26 -2.98 -14.12 -3.39
C GLY A 26 -1.49 -14.41 -3.21
N ASN A 27 -0.82 -14.80 -4.30
CA ASN A 27 0.61 -14.98 -4.24
C ASN A 27 1.29 -13.60 -4.02
N LEU A 28 2.51 -13.64 -3.58
CA LEU A 28 3.29 -12.38 -3.35
C LEU A 28 4.38 -12.24 -4.42
N LEU A 29 4.21 -11.23 -5.20
CA LEU A 29 5.19 -10.87 -6.26
C LEU A 29 6.16 -9.82 -5.73
N VAL A 30 7.45 -10.07 -5.85
CA VAL A 30 8.46 -9.13 -5.40
C VAL A 30 9.39 -8.73 -6.55
N TRP A 31 9.96 -7.55 -6.47
CA TRP A 31 10.99 -7.19 -7.46
C TRP A 31 12.00 -6.23 -6.86
N SER A 32 13.21 -6.20 -7.46
CA SER A 32 14.35 -5.34 -7.02
C SER A 32 14.57 -4.30 -8.08
N SER A 33 15.20 -4.67 -9.20
CA SER A 33 15.73 -3.77 -10.21
C SER A 33 16.27 -4.66 -11.34
N GLY A 34 17.13 -4.06 -12.15
CA GLY A 34 17.93 -4.87 -13.14
C GLY A 34 19.00 -5.72 -12.58
N TRP A 35 19.19 -5.73 -11.30
CA TRP A 35 20.00 -6.71 -10.58
C TRP A 35 19.26 -7.27 -9.40
N PRO A 36 19.70 -8.40 -8.88
CA PRO A 36 19.09 -8.96 -7.65
C PRO A 36 19.43 -8.23 -6.34
N ASN A 37 20.60 -7.58 -6.33
CA ASN A 37 21.25 -7.11 -5.15
C ASN A 37 21.82 -5.67 -5.21
N ARG A 38 21.54 -4.88 -6.22
N ARG A 38 21.48 -4.99 -6.32
CA ARG A 38 22.06 -3.52 -6.20
CA ARG A 38 21.93 -3.64 -6.60
C ARG A 38 21.22 -2.88 -7.28
C ARG A 38 21.08 -2.87 -7.54
N TRP A 39 21.44 -1.61 -7.62
CA TRP A 39 20.68 -0.72 -8.48
C TRP A 39 21.59 0.37 -8.98
N THR A 40 21.19 1.05 -10.04
CA THR A 40 21.77 2.34 -10.45
C THR A 40 20.72 3.28 -10.84
N THR A 41 21.02 4.59 -10.90
CA THR A 41 20.00 5.55 -11.28
C THR A 41 19.47 5.25 -12.68
N ALA A 42 20.40 4.92 -13.61
CA ALA A 42 20.01 4.64 -14.99
C ALA A 42 19.37 3.30 -15.15
N GLY A 43 19.71 2.38 -14.28
CA GLY A 43 19.14 1.05 -14.32
C GLY A 43 19.83 0.12 -15.33
N ASN A 44 19.31 -1.08 -15.42
CA ASN A 44 19.85 -2.13 -16.28
C ASN A 44 18.87 -2.51 -17.39
N GLY A 45 17.89 -1.66 -17.71
CA GLY A 45 16.90 -1.82 -18.75
C GLY A 45 15.95 -3.03 -18.61
N LYS A 46 15.82 -3.56 -17.39
CA LYS A 46 15.07 -4.79 -17.16
C LYS A 46 14.84 -4.90 -15.67
N THR A 47 13.96 -5.81 -15.27
CA THR A 47 13.75 -6.12 -13.84
C THR A 47 13.70 -7.58 -13.53
N TYR A 48 14.37 -7.94 -12.47
CA TYR A 48 14.30 -9.25 -11.84
C TYR A 48 13.12 -9.29 -10.88
N THR A 49 12.37 -10.41 -10.92
CA THR A 49 11.18 -10.65 -10.06
C THR A 49 11.23 -12.02 -9.51
N SER A 50 10.55 -12.22 -8.41
CA SER A 50 10.38 -13.56 -7.84
C SER A 50 8.97 -13.61 -7.22
N LEU A 51 8.44 -14.81 -7.09
CA LEU A 51 7.05 -15.03 -6.64
C LEU A 51 7.01 -16.00 -5.50
N TYR A 52 6.31 -15.67 -4.41
CA TYR A 52 6.10 -16.57 -3.32
C TYR A 52 4.67 -17.12 -3.44
N ASN A 53 4.57 -18.46 -3.53
CA ASN A 53 3.28 -19.12 -3.61
C ASN A 53 2.75 -19.39 -2.24
N VAL A 54 1.64 -18.75 -1.89
CA VAL A 54 1.07 -18.84 -0.54
C VAL A 54 0.46 -20.23 -0.26
N ASN A 55 0.04 -20.93 -1.31
CA ASN A 55 -0.50 -22.31 -1.09
C ASN A 55 0.58 -23.37 -0.89
N THR A 56 1.64 -23.34 -1.67
CA THR A 56 2.71 -24.35 -1.58
C THR A 56 3.91 -23.91 -0.73
N GLY A 57 4.09 -22.60 -0.52
CA GLY A 57 5.32 -22.09 0.07
C GLY A 57 6.54 -22.04 -0.90
N ASN A 58 6.40 -22.43 -2.16
CA ASN A 58 7.48 -22.35 -3.13
C ASN A 58 7.91 -20.90 -3.37
N ILE A 59 9.23 -20.66 -3.37
N ILE A 59 9.21 -20.65 -3.40
CA ILE A 59 9.81 -19.40 -3.79
CA ILE A 59 9.72 -19.36 -3.84
C ILE A 59 10.38 -19.61 -5.17
C ILE A 59 10.35 -19.60 -5.17
N SER A 60 9.93 -18.87 -6.16
CA SER A 60 10.41 -19.08 -7.54
C SER A 60 11.83 -18.51 -7.73
N ASP A 61 12.55 -19.06 -8.71
CA ASP A 61 13.82 -18.48 -9.07
C ASP A 61 13.61 -17.09 -9.66
N ALA A 62 14.65 -16.27 -9.55
CA ALA A 62 14.56 -14.93 -10.09
C ALA A 62 14.51 -14.99 -11.59
N ILE A 63 13.56 -14.30 -12.20
CA ILE A 63 13.49 -14.17 -13.63
C ILE A 63 13.49 -12.74 -14.08
N VAL A 64 13.92 -12.51 -15.32
CA VAL A 64 13.80 -11.28 -15.96
C VAL A 64 12.42 -11.11 -16.54
N GLN A 65 11.50 -10.63 -15.69
CA GLN A 65 10.11 -10.71 -16.07
C GLN A 65 9.73 -9.50 -16.83
N ASN A 66 10.54 -8.41 -16.71
CA ASN A 66 10.34 -7.24 -17.47
C ASN A 66 11.64 -6.96 -18.24
N THR A 67 11.54 -7.04 -19.58
CA THR A 67 12.74 -6.95 -20.44
C THR A 67 13.03 -5.57 -20.96
N GLN A 68 12.16 -4.60 -20.72
CA GLN A 68 12.25 -3.23 -21.22
C GLN A 68 12.39 -2.08 -20.19
N HIS A 69 12.05 -2.35 -18.92
CA HIS A 69 11.89 -1.32 -17.86
C HIS A 69 12.55 -1.89 -16.64
N ASP A 70 13.50 -1.12 -16.08
CA ASP A 70 14.06 -1.39 -14.75
C ASP A 70 13.18 -0.63 -13.75
N MET A 71 12.35 -1.40 -13.07
CA MET A 71 11.27 -0.88 -12.28
C MET A 71 11.64 -0.55 -10.81
N PHE A 72 12.91 -0.29 -10.57
CA PHE A 72 13.42 0.17 -9.30
C PHE A 72 12.99 1.63 -9.13
N CYS A 73 12.52 1.98 -7.93
CA CYS A 73 12.09 3.35 -7.59
C CYS A 73 10.90 3.90 -8.37
N PRO A 74 9.85 3.07 -8.57
CA PRO A 74 8.77 3.52 -9.44
C PRO A 74 7.56 3.99 -8.68
N GLY A 75 6.55 4.46 -9.42
CA GLY A 75 5.18 4.50 -8.89
C GLY A 75 4.51 3.19 -9.11
N THR A 76 3.55 2.86 -8.25
CA THR A 76 2.81 1.56 -8.43
C THR A 76 1.34 1.86 -8.22
N SER A 77 0.49 1.22 -8.98
CA SER A 77 -0.97 1.24 -8.72
C SER A 77 -1.59 0.03 -9.33
N LEU A 78 -2.72 -0.44 -8.77
CA LEU A 78 -3.54 -1.46 -9.39
C LEU A 78 -4.76 -0.84 -10.01
N ASP A 79 -5.03 -1.16 -11.26
CA ASP A 79 -6.13 -0.56 -11.95
C ASP A 79 -7.47 -1.32 -11.72
N ALA A 80 -8.52 -0.84 -12.40
CA ALA A 80 -9.86 -1.42 -12.21
C ALA A 80 -9.95 -2.92 -12.45
N ASP A 81 -9.09 -3.50 -13.30
CA ASP A 81 -9.08 -4.91 -13.56
C ASP A 81 -8.02 -5.70 -12.87
N GLY A 82 -7.37 -5.12 -11.86
CA GLY A 82 -6.31 -5.79 -11.16
C GLY A 82 -4.96 -5.84 -11.81
N ARG A 83 -4.79 -5.06 -12.91
CA ARG A 83 -3.49 -5.01 -13.52
C ARG A 83 -2.61 -4.11 -12.67
N ILE A 84 -1.36 -4.53 -12.52
CA ILE A 84 -0.33 -3.75 -11.77
C ILE A 84 0.40 -2.84 -12.75
N ILE A 85 0.17 -1.57 -12.59
CA ILE A 85 0.78 -0.54 -13.44
C ILE A 85 1.94 0.10 -12.73
N VAL A 86 3.17 -0.01 -13.27
CA VAL A 86 4.37 0.48 -12.67
C VAL A 86 4.98 1.55 -13.57
N THR A 87 5.32 2.68 -12.99
CA THR A 87 5.73 3.88 -13.74
C THR A 87 7.10 4.29 -13.32
N GLY A 88 7.95 4.61 -14.32
CA GLY A 88 9.23 5.31 -14.03
C GLY A 88 10.18 4.52 -13.22
N GLY A 89 10.96 5.25 -12.42
CA GLY A 89 12.03 4.68 -11.69
C GLY A 89 13.33 4.73 -12.50
N SER A 90 14.10 3.68 -12.44
CA SER A 90 15.40 3.72 -13.16
C SER A 90 15.15 3.94 -14.65
N SER A 91 14.17 3.25 -15.22
CA SER A 91 13.74 3.60 -16.59
C SER A 91 12.68 4.69 -16.50
N ALA A 92 13.11 5.92 -16.42
CA ALA A 92 12.31 6.98 -15.91
C ALA A 92 11.06 7.41 -16.67
N ALA A 93 11.04 7.12 -17.98
CA ALA A 93 9.90 7.57 -18.75
C ALA A 93 8.84 6.41 -18.88
N LYS A 94 9.20 5.18 -18.54
CA LYS A 94 8.45 3.95 -18.95
C LYS A 94 7.22 3.67 -18.08
N THR A 95 6.21 3.14 -18.71
CA THR A 95 5.00 2.57 -18.02
C THR A 95 4.93 1.09 -18.41
N SER A 96 4.93 0.18 -17.47
CA SER A 96 4.73 -1.20 -17.70
C SER A 96 3.50 -1.77 -16.98
N VAL A 97 2.98 -2.90 -17.45
CA VAL A 97 1.77 -3.50 -16.89
C VAL A 97 1.96 -4.99 -16.76
N LEU A 98 1.57 -5.57 -15.61
CA LEU A 98 1.42 -6.95 -15.46
C LEU A 98 -0.05 -7.26 -15.25
N ASP A 99 -0.62 -8.07 -16.14
CA ASP A 99 -2.03 -8.49 -16.06
C ASP A 99 -2.04 -9.92 -15.61
N PHE A 100 -2.44 -10.18 -14.38
CA PHE A 100 -2.27 -11.50 -13.77
C PHE A 100 -3.08 -12.55 -14.58
N LYS A 101 -4.09 -12.10 -15.31
CA LYS A 101 -4.94 -13.01 -16.08
C LYS A 101 -4.10 -13.70 -17.17
N LYS A 102 -3.06 -13.03 -17.67
N LYS A 102 -3.06 -13.01 -17.64
CA LYS A 102 -2.08 -13.66 -18.62
CA LYS A 102 -2.13 -13.59 -18.63
C LYS A 102 -1.13 -14.65 -18.00
C LYS A 102 -1.07 -14.50 -18.02
N GLY A 103 -1.06 -14.68 -16.69
CA GLY A 103 -0.14 -15.53 -15.98
C GLY A 103 0.71 -14.62 -15.10
N GLU A 104 0.92 -15.13 -13.89
CA GLU A 104 1.64 -14.41 -12.85
C GLU A 104 3.14 -14.24 -13.20
N SER A 105 3.71 -15.19 -13.97
CA SER A 105 5.08 -15.16 -14.43
C SER A 105 5.19 -14.73 -15.89
N SER A 106 4.10 -14.29 -16.49
CA SER A 106 4.13 -13.82 -17.84
C SER A 106 4.88 -12.45 -17.97
N PRO A 107 5.18 -12.01 -19.20
CA PRO A 107 6.00 -10.79 -19.33
C PRO A 107 5.22 -9.53 -18.95
N TRP A 108 5.92 -8.59 -18.30
CA TRP A 108 5.37 -7.25 -18.17
C TRP A 108 5.33 -6.68 -19.55
N THR A 109 4.32 -5.95 -19.88
CA THR A 109 4.27 -5.33 -21.22
C THR A 109 4.23 -3.81 -21.16
N PRO A 110 4.54 -3.10 -22.26
CA PRO A 110 4.59 -1.70 -22.21
C PRO A 110 3.30 -1.02 -22.40
N LEU A 111 3.14 0.07 -21.72
CA LEU A 111 2.15 1.06 -21.94
C LEU A 111 2.80 2.33 -22.41
N SER A 112 2.01 3.38 -22.63
CA SER A 112 2.52 4.65 -23.14
C SER A 112 3.51 5.22 -22.13
N ASN A 113 4.61 5.83 -22.62
CA ASN A 113 5.49 6.57 -21.75
C ASN A 113 4.75 7.72 -21.09
N MET A 114 5.14 8.05 -19.85
CA MET A 114 4.69 9.28 -19.19
C MET A 114 5.11 10.55 -19.93
N GLN A 115 4.34 11.59 -19.73
CA GLN A 115 4.66 12.96 -20.25
C GLN A 115 5.90 13.52 -19.59
N ILE A 116 6.11 13.22 -18.30
CA ILE A 116 7.28 13.72 -17.56
C ILE A 116 7.94 12.54 -16.91
N SER A 117 9.19 12.26 -17.25
N SER A 117 9.20 12.30 -17.22
CA SER A 117 9.91 11.13 -16.69
CA SER A 117 9.98 11.20 -16.69
C SER A 117 10.20 11.40 -15.21
C SER A 117 10.21 11.42 -15.19
N ARG A 118 10.24 10.34 -14.40
CA ARG A 118 10.22 10.53 -12.94
C ARG A 118 10.58 9.25 -12.24
N GLY A 119 10.90 9.40 -10.97
CA GLY A 119 11.15 8.28 -10.11
C GLY A 119 10.96 8.67 -8.69
N TYR A 120 10.48 7.75 -7.84
CA TYR A 120 10.07 8.02 -6.42
C TYR A 120 8.80 8.87 -6.34
N GLN A 121 8.05 8.95 -7.43
CA GLN A 121 6.76 9.56 -7.46
C GLN A 121 5.80 8.69 -6.64
N SER A 122 4.63 9.24 -6.38
CA SER A 122 3.51 8.42 -5.96
C SER A 122 2.50 8.39 -7.11
N SER A 123 1.85 7.25 -7.20
CA SER A 123 0.83 6.95 -8.17
C SER A 123 -0.41 6.48 -7.42
N CYS A 124 -1.57 6.85 -7.91
CA CYS A 124 -2.80 6.29 -7.35
C CYS A 124 -3.89 6.16 -8.39
N THR A 125 -4.77 5.19 -8.16
CA THR A 125 -5.91 4.90 -8.94
C THR A 125 -7.01 5.80 -8.47
N THR A 126 -7.65 6.54 -9.40
CA THR A 126 -8.68 7.45 -9.00
C THR A 126 -10.08 6.79 -9.05
N SER A 127 -11.05 7.54 -8.60
CA SER A 127 -12.45 7.07 -8.64
C SER A 127 -12.92 6.75 -10.05
N GLU A 128 -12.27 7.36 -11.05
CA GLU A 128 -12.53 7.09 -12.47
C GLU A 128 -11.79 5.94 -13.04
N GLY A 129 -10.93 5.30 -12.25
CA GLY A 129 -10.11 4.27 -12.72
C GLY A 129 -8.85 4.77 -13.47
N LYS A 130 -8.62 6.06 -13.39
CA LYS A 130 -7.42 6.61 -14.02
C LYS A 130 -6.26 6.49 -13.06
N ILE A 131 -5.04 6.70 -13.56
CA ILE A 131 -3.83 6.59 -12.72
C ILE A 131 -3.17 7.96 -12.64
N PHE A 132 -3.15 8.57 -11.47
CA PHE A 132 -2.59 9.94 -11.27
C PHE A 132 -1.22 9.78 -10.69
N VAL A 133 -0.25 10.52 -11.25
CA VAL A 133 1.10 10.56 -10.63
C VAL A 133 1.53 11.99 -10.43
N ILE A 134 2.34 12.20 -9.39
CA ILE A 134 2.90 13.50 -9.17
C ILE A 134 4.20 13.39 -8.42
N GLY A 135 5.07 14.37 -8.67
CA GLY A 135 6.41 14.33 -8.10
C GLY A 135 7.36 13.29 -8.61
N GLY A 136 8.42 13.09 -7.84
CA GLY A 136 9.34 11.99 -8.07
C GLY A 136 10.61 12.53 -8.75
N SER A 137 11.63 12.81 -7.94
CA SER A 137 12.91 13.33 -8.49
C SER A 137 14.11 12.46 -8.30
N PHE A 138 13.91 11.19 -8.05
CA PHE A 138 15.01 10.22 -8.05
C PHE A 138 15.63 10.16 -9.43
N SER A 139 14.79 10.16 -10.45
CA SER A 139 15.22 10.04 -11.85
C SER A 139 14.30 10.94 -12.62
N GLY A 140 14.58 11.13 -13.90
CA GLY A 140 13.73 11.92 -14.72
C GLY A 140 14.22 13.31 -15.01
N ALA A 141 13.35 14.18 -15.43
CA ALA A 141 13.76 15.49 -15.90
C ALA A 141 12.57 16.41 -15.94
N GLY A 142 12.77 17.68 -15.63
CA GLY A 142 11.75 18.69 -15.62
C GLY A 142 10.97 18.74 -14.31
N THR A 143 10.29 19.84 -14.05
CA THR A 143 9.44 20.01 -12.87
C THR A 143 8.48 18.83 -12.88
N ARG A 144 8.44 18.09 -11.76
CA ARG A 144 7.67 16.84 -11.75
C ARG A 144 6.18 17.05 -11.42
N ASN A 145 5.49 17.78 -12.26
CA ASN A 145 4.12 18.08 -12.13
C ASN A 145 3.17 16.90 -12.37
N GLY A 146 1.90 17.15 -12.08
CA GLY A 146 0.90 16.08 -12.14
C GLY A 146 0.50 15.67 -13.52
N GLU A 147 0.26 14.36 -13.72
CA GLU A 147 -0.25 13.86 -14.95
C GLU A 147 -1.16 12.69 -14.66
N VAL A 148 -1.98 12.36 -15.63
CA VAL A 148 -3.00 11.30 -15.44
C VAL A 148 -3.07 10.38 -16.63
N TYR A 149 -3.12 9.06 -16.35
CA TYR A 149 -3.18 8.02 -17.31
C TYR A 149 -4.64 7.52 -17.46
N ASP A 150 -5.12 7.43 -18.71
CA ASP A 150 -6.46 6.91 -18.98
C ASP A 150 -6.21 5.57 -19.59
N PRO A 151 -6.50 4.47 -18.89
CA PRO A 151 -6.14 3.16 -19.37
C PRO A 151 -6.98 2.71 -20.54
N LYS A 152 -8.15 3.28 -20.70
CA LYS A 152 -9.02 2.96 -21.88
C LYS A 152 -8.47 3.57 -23.13
N ALA A 153 -7.82 4.73 -23.04
CA ALA A 153 -7.20 5.40 -24.24
C ALA A 153 -5.69 5.21 -24.35
N ASN A 154 -5.02 4.50 -23.42
CA ASN A 154 -3.56 4.41 -23.23
C ASN A 154 -2.85 5.74 -23.44
N THR A 155 -3.35 6.78 -22.79
N THR A 155 -3.30 6.77 -22.72
CA THR A 155 -2.79 8.12 -22.88
CA THR A 155 -2.84 8.15 -22.89
C THR A 155 -2.43 8.66 -21.51
C THR A 155 -2.56 8.88 -21.55
N TRP A 156 -1.35 9.42 -21.45
CA TRP A 156 -1.00 10.29 -20.32
C TRP A 156 -1.26 11.71 -20.70
N THR A 157 -1.87 12.50 -19.85
CA THR A 157 -2.15 13.90 -20.07
C THR A 157 -1.60 14.69 -18.87
N LYS A 158 -0.79 15.74 -19.10
CA LYS A 158 -0.42 16.67 -18.10
C LYS A 158 -1.56 17.46 -17.62
N LEU A 159 -1.60 17.75 -16.32
CA LEU A 159 -2.67 18.48 -15.77
C LEU A 159 -2.11 19.83 -15.30
N ALA A 160 -2.29 20.88 -16.13
CA ALA A 160 -1.79 22.23 -15.77
C ALA A 160 -2.24 22.68 -14.40
N GLY A 161 -3.43 22.26 -13.97
CA GLY A 161 -3.94 22.67 -12.69
C GLY A 161 -3.47 21.84 -11.52
N CYS A 162 -2.56 20.89 -11.80
CA CYS A 162 -1.94 20.02 -10.73
C CYS A 162 -0.42 20.11 -10.68
N PRO A 163 0.10 21.30 -10.31
CA PRO A 163 1.47 21.53 -10.13
C PRO A 163 1.96 20.83 -8.88
N VAL A 164 3.20 20.42 -8.90
CA VAL A 164 3.81 19.83 -7.74
C VAL A 164 4.17 20.83 -6.66
N LYS A 165 4.43 22.12 -7.00
CA LYS A 165 4.91 23.05 -6.02
C LYS A 165 4.24 23.03 -4.67
N PRO A 166 2.86 23.02 -4.61
CA PRO A 166 2.17 23.12 -3.30
C PRO A 166 2.59 21.99 -2.32
N LEU A 167 2.95 20.83 -2.83
CA LEU A 167 3.28 19.67 -1.90
C LEU A 167 4.75 19.58 -1.59
N VAL A 168 5.64 20.40 -2.16
CA VAL A 168 7.06 20.14 -1.96
C VAL A 168 7.42 20.48 -0.49
N MET A 169 8.22 19.59 0.13
CA MET A 169 8.68 19.82 1.49
C MET A 169 9.70 20.97 1.53
N GLN A 170 9.94 21.46 2.74
CA GLN A 170 10.81 22.63 2.92
C GLN A 170 12.29 22.29 2.73
N ARG A 171 12.71 21.07 3.03
CA ARG A 171 14.11 20.69 3.15
C ARG A 171 14.36 19.31 2.54
N GLY A 172 15.62 19.07 2.25
CA GLY A 172 16.16 17.74 2.03
C GLY A 172 16.02 17.28 0.59
N MET A 173 16.58 16.09 0.36
N MET A 173 16.52 16.07 0.39
CA MET A 173 16.48 15.35 -0.89
CA MET A 173 16.48 15.37 -0.90
C MET A 173 15.08 14.99 -1.30
C MET A 173 15.09 14.97 -1.31
N PHE A 174 14.90 14.90 -2.61
CA PHE A 174 13.64 14.44 -3.22
C PHE A 174 12.42 15.04 -2.51
N PRO A 175 12.38 16.37 -2.28
CA PRO A 175 11.33 16.92 -1.49
C PRO A 175 9.89 16.87 -2.09
N ASP A 176 9.82 16.55 -3.37
CA ASP A 176 8.59 16.39 -4.11
C ASP A 176 8.16 14.94 -4.20
N SER A 177 8.79 14.03 -3.48
CA SER A 177 8.63 12.59 -3.76
C SER A 177 7.83 11.90 -2.63
N HIS A 178 7.40 10.67 -2.90
CA HIS A 178 6.65 9.83 -1.96
C HIS A 178 5.46 10.57 -1.36
N ALA A 179 4.74 11.34 -2.16
CA ALA A 179 3.53 11.98 -1.64
C ALA A 179 2.52 10.96 -1.07
N TRP A 180 1.84 11.37 0.00
CA TRP A 180 0.82 10.54 0.66
C TRP A 180 -0.52 10.75 -0.12
N LEU A 181 -0.66 10.15 -1.26
CA LEU A 181 -1.84 10.35 -2.13
C LEU A 181 -3.00 9.42 -1.77
N TRP A 182 -4.15 10.04 -1.57
CA TRP A 182 -5.38 9.30 -1.26
C TRP A 182 -6.48 9.72 -2.23
N SER A 183 -6.88 8.82 -3.09
CA SER A 183 -7.99 9.11 -3.99
C SER A 183 -9.30 9.23 -3.27
N TRP A 184 -10.12 10.18 -3.74
CA TRP A 184 -11.37 10.48 -3.07
C TRP A 184 -12.50 10.80 -4.11
N LYS A 185 -13.54 11.46 -3.67
CA LYS A 185 -14.75 11.62 -4.45
C LYS A 185 -14.48 12.34 -5.76
N ASN A 186 -15.16 11.90 -6.82
CA ASN A 186 -15.24 12.65 -8.09
C ASN A 186 -13.89 13.07 -8.65
N GLY A 187 -12.97 12.14 -8.63
CA GLY A 187 -11.69 12.29 -9.27
C GLY A 187 -10.72 13.09 -8.48
N SER A 188 -11.01 13.41 -7.23
CA SER A 188 -10.16 14.16 -6.39
C SER A 188 -9.04 13.23 -5.81
N VAL A 189 -7.94 13.85 -5.42
CA VAL A 189 -6.81 13.19 -4.76
C VAL A 189 -6.36 14.09 -3.64
N LEU A 190 -6.35 13.62 -2.41
CA LEU A 190 -5.76 14.32 -1.35
C LEU A 190 -4.28 14.00 -1.24
N GLN A 191 -3.42 15.02 -1.28
CA GLN A 191 -2.02 14.85 -0.82
C GLN A 191 -1.94 15.18 0.61
N ALA A 192 -1.90 14.15 1.46
CA ALA A 192 -1.96 14.23 2.88
C ALA A 192 -0.66 14.54 3.59
N GLY A 193 0.39 14.54 2.80
CA GLY A 193 1.75 14.68 3.30
C GLY A 193 2.68 14.22 2.21
N PRO A 194 3.97 14.05 2.52
CA PRO A 194 4.62 14.25 3.81
C PRO A 194 4.78 15.68 4.26
N SER A 195 4.76 16.59 3.30
CA SER A 195 4.78 18.03 3.72
C SER A 195 3.65 18.24 4.73
N LYS A 196 3.85 19.15 5.66
CA LYS A 196 2.86 19.52 6.60
C LYS A 196 1.71 20.28 5.93
N LYS A 197 1.92 20.83 4.75
CA LYS A 197 0.87 21.45 3.98
CA LYS A 197 0.88 21.44 3.94
C LYS A 197 0.20 20.39 3.07
N MET A 198 -1.07 20.10 3.39
CA MET A 198 -1.87 19.17 2.59
C MET A 198 -2.62 19.90 1.49
N ASN A 199 -2.89 19.23 0.40
CA ASN A 199 -3.49 19.86 -0.81
C ASN A 199 -4.44 18.92 -1.45
N TRP A 200 -5.57 19.46 -1.92
CA TRP A 200 -6.40 18.74 -2.81
C TRP A 200 -6.01 18.93 -4.25
N TYR A 201 -6.08 17.86 -5.05
CA TYR A 201 -5.90 17.85 -6.48
C TYR A 201 -7.15 17.28 -7.11
N ASP A 202 -7.53 17.85 -8.26
CA ASP A 202 -8.63 17.37 -9.06
C ASP A 202 -8.01 16.91 -10.32
N THR A 203 -8.29 15.68 -10.70
CA THR A 203 -7.69 15.04 -11.79
C THR A 203 -8.54 15.11 -13.06
N LYS A 204 -9.66 15.80 -13.00
CA LYS A 204 -10.59 15.83 -14.16
C LYS A 204 -10.18 17.06 -15.02
N GLY A 205 -10.43 17.00 -16.32
CA GLY A 205 -10.28 18.22 -17.17
C GLY A 205 -8.81 18.60 -17.28
N THR A 206 -8.52 19.87 -17.01
CA THR A 206 -7.17 20.37 -17.01
C THR A 206 -6.58 20.38 -15.58
N GLY A 207 -7.36 19.91 -14.61
CA GLY A 207 -6.88 19.81 -13.24
C GLY A 207 -7.09 21.02 -12.42
N SER A 208 -6.98 20.84 -11.11
N SER A 208 -6.93 20.85 -11.13
CA SER A 208 -7.09 21.93 -10.19
CA SER A 208 -7.02 21.93 -10.23
C SER A 208 -6.44 21.49 -8.90
C SER A 208 -6.39 21.49 -8.92
N ASN A 209 -6.11 22.46 -8.06
CA ASN A 209 -5.55 22.21 -6.74
C ASN A 209 -5.93 23.26 -5.81
N THR A 210 -6.06 22.94 -4.55
CA THR A 210 -6.41 23.88 -3.51
C THR A 210 -5.91 23.37 -2.17
N PRO A 211 -5.54 24.28 -1.26
CA PRO A 211 -5.10 23.85 0.05
C PRO A 211 -6.14 23.09 0.88
N ALA A 212 -5.69 22.05 1.59
CA ALA A 212 -6.53 21.22 2.42
C ALA A 212 -6.25 21.49 3.90
N GLY A 213 -5.37 22.45 4.19
CA GLY A 213 -5.02 22.76 5.53
C GLY A 213 -3.64 22.17 5.89
N LEU A 214 -3.14 22.59 6.99
CA LEU A 214 -1.99 21.98 7.65
C LEU A 214 -2.37 20.69 8.31
N ARG A 215 -1.41 19.77 8.37
CA ARG A 215 -1.59 18.56 9.14
C ARG A 215 -1.39 18.81 10.62
N GLY A 216 -2.38 19.48 11.21
CA GLY A 216 -2.25 19.87 12.62
C GLY A 216 -1.02 20.69 12.91
N THR A 217 -0.32 20.38 14.00
CA THR A 217 0.95 21.01 14.26
C THR A 217 2.11 20.10 13.87
N ASP A 218 1.86 19.10 13.02
CA ASP A 218 2.98 18.23 12.56
C ASP A 218 3.98 18.99 11.74
N GLU A 219 5.19 18.47 11.75
CA GLU A 219 6.25 18.93 10.87
C GLU A 219 6.23 18.12 9.55
N ASP A 220 7.00 18.56 8.58
CA ASP A 220 7.21 17.79 7.39
C ASP A 220 7.74 16.37 7.79
N SER A 221 7.24 15.33 7.07
CA SER A 221 7.35 13.95 7.56
C SER A 221 7.63 13.01 6.40
N MET A 222 8.79 13.20 5.77
CA MET A 222 9.18 12.39 4.65
C MET A 222 9.35 10.95 5.11
N CYS A 223 8.79 10.02 4.35
CA CYS A 223 8.83 8.59 4.64
C CYS A 223 8.25 8.25 5.97
N GLY A 224 7.30 9.11 6.40
CA GLY A 224 6.21 8.72 7.30
C GLY A 224 5.28 7.83 6.52
N VAL A 225 4.31 7.26 7.19
CA VAL A 225 3.36 6.33 6.59
C VAL A 225 1.95 6.81 6.78
N SER A 226 1.06 6.39 5.93
CA SER A 226 -0.37 6.72 6.02
C SER A 226 -1.22 5.65 5.45
N VAL A 227 -2.43 5.47 5.95
N VAL A 227 -2.45 5.52 5.94
CA VAL A 227 -3.35 4.47 5.45
CA VAL A 227 -3.33 4.42 5.61
C VAL A 227 -4.78 4.86 5.72
C VAL A 227 -4.79 4.87 5.73
N MET A 228 -5.63 4.64 4.70
CA MET A 228 -7.03 4.87 4.81
C MET A 228 -7.67 3.63 5.40
N TYR A 229 -7.92 3.67 6.69
CA TYR A 229 -8.40 2.52 7.42
C TYR A 229 -9.92 2.44 7.48
N ASP A 230 -10.66 3.53 7.19
CA ASP A 230 -12.11 3.44 7.08
C ASP A 230 -12.51 4.40 6.01
N ALA A 231 -12.59 3.93 4.77
CA ALA A 231 -12.86 4.82 3.65
C ALA A 231 -14.29 5.36 3.67
N VAL A 232 -15.20 4.64 4.26
CA VAL A 232 -16.59 5.09 4.31
C VAL A 232 -16.69 6.37 5.19
N ALA A 233 -15.90 6.42 6.24
CA ALA A 233 -15.87 7.56 7.18
C ALA A 233 -14.83 8.57 6.78
N GLY A 234 -14.04 8.27 5.72
CA GLY A 234 -13.07 9.23 5.31
C GLY A 234 -11.85 9.32 6.24
N LYS A 235 -11.45 8.25 6.88
CA LYS A 235 -10.47 8.28 7.92
C LYS A 235 -9.10 7.75 7.46
N ILE A 236 -8.08 8.59 7.66
CA ILE A 236 -6.68 8.25 7.32
C ILE A 236 -5.80 8.36 8.56
N PHE A 237 -5.00 7.35 8.85
CA PHE A 237 -4.05 7.39 9.94
C PHE A 237 -2.72 7.78 9.36
N THR A 238 -1.97 8.62 10.06
CA THR A 238 -0.61 9.04 9.63
C THR A 238 0.34 8.87 10.72
N TYR A 239 1.63 8.53 10.44
CA TYR A 239 2.60 8.24 11.50
C TYR A 239 4.00 8.59 11.04
N GLY A 240 4.75 9.23 11.93
CA GLY A 240 6.19 9.30 11.81
C GLY A 240 6.74 10.12 10.67
N GLY A 241 7.94 9.70 10.21
CA GLY A 241 8.62 10.46 9.18
C GLY A 241 9.61 11.50 9.75
N GLY A 242 10.28 12.17 8.84
CA GLY A 242 11.31 13.13 9.22
C GLY A 242 11.24 14.44 8.45
N LYS A 243 11.85 15.50 9.00
CA LYS A 243 11.84 16.82 8.32
C LYS A 243 12.64 16.90 7.05
N GLY A 244 13.43 15.87 6.78
CA GLY A 244 14.08 15.65 5.53
C GLY A 244 14.19 14.19 5.20
N TYR A 245 14.53 13.92 3.97
CA TYR A 245 14.72 12.51 3.53
C TYR A 245 15.73 11.77 4.39
N THR A 246 16.81 12.47 4.74
CA THR A 246 17.83 11.95 5.61
C THR A 246 18.32 13.06 6.51
N GLY A 247 19.01 12.62 7.51
CA GLY A 247 19.74 13.54 8.37
C GLY A 247 19.07 14.02 9.63
N TYR A 248 17.80 13.72 9.80
CA TYR A 248 17.06 14.10 11.00
C TYR A 248 16.56 12.88 11.73
N ASP A 249 16.17 13.10 12.97
CA ASP A 249 15.50 12.04 13.76
C ASP A 249 14.06 11.98 13.27
N SER A 250 13.58 10.78 13.00
CA SER A 250 12.17 10.61 12.68
C SER A 250 11.37 10.92 13.94
N THR A 251 10.07 11.03 13.75
CA THR A 251 9.15 11.21 14.89
C THR A 251 8.27 10.01 15.15
N SER A 252 7.56 10.09 16.28
CA SER A 252 6.58 9.14 16.65
C SER A 252 5.20 9.82 16.62
N ASN A 253 5.07 10.90 15.87
CA ASN A 253 3.82 11.63 15.82
C ASN A 253 2.76 10.81 15.09
N ALA A 254 1.53 10.87 15.58
CA ALA A 254 0.40 10.01 15.13
C ALA A 254 -0.83 10.96 14.98
N HIS A 255 -1.51 10.88 13.87
CA HIS A 255 -2.69 11.73 13.56
C HIS A 255 -3.75 10.90 12.87
N ILE A 256 -5.00 11.31 13.08
N ILE A 256 -5.02 11.26 13.09
CA ILE A 256 -6.12 10.87 12.28
CA ILE A 256 -6.12 10.81 12.26
C ILE A 256 -6.62 12.07 11.49
C ILE A 256 -6.70 11.97 11.52
N LEU A 257 -6.79 11.86 10.21
CA LEU A 257 -7.35 12.82 9.28
C LEU A 257 -8.74 12.38 8.94
N THR A 258 -9.71 13.34 8.87
CA THR A 258 -11.06 12.99 8.47
C THR A 258 -11.44 13.83 7.30
N LEU A 259 -11.75 13.22 6.17
CA LEU A 259 -12.03 13.86 4.91
C LEU A 259 -13.49 14.13 4.87
N GLY A 260 -13.84 15.35 4.45
CA GLY A 260 -15.21 15.63 4.14
C GLY A 260 -15.32 15.68 2.65
N GLU A 261 -15.68 16.83 2.10
CA GLU A 261 -15.82 16.97 0.67
C GLU A 261 -14.48 17.42 0.05
N PRO A 262 -14.19 17.07 -1.18
CA PRO A 262 -12.99 17.55 -1.81
C PRO A 262 -13.03 19.06 -1.86
N GLY A 263 -11.86 19.65 -1.76
CA GLY A 263 -11.73 21.10 -1.64
C GLY A 263 -11.93 21.70 -0.26
N GLN A 264 -12.50 20.99 0.70
CA GLN A 264 -12.80 21.52 2.00
C GLN A 264 -11.70 21.10 2.99
N ALA A 265 -11.56 21.85 4.04
CA ALA A 265 -10.50 21.60 5.02
C ALA A 265 -10.59 20.12 5.50
N VAL A 266 -9.43 19.51 5.72
CA VAL A 266 -9.39 18.20 6.32
C VAL A 266 -9.20 18.37 7.80
N GLN A 267 -9.99 17.65 8.57
CA GLN A 267 -9.94 17.72 10.02
C GLN A 267 -8.80 16.82 10.52
N VAL A 268 -8.04 17.30 11.45
CA VAL A 268 -6.87 16.58 11.98
C VAL A 268 -6.93 16.44 13.47
N GLN A 269 -6.80 15.22 13.93
CA GLN A 269 -6.75 14.90 15.35
C GLN A 269 -5.39 14.30 15.74
N LYS A 270 -4.69 14.95 16.61
CA LYS A 270 -3.47 14.39 17.21
C LYS A 270 -3.72 13.34 18.22
N LEU A 271 -2.99 12.21 18.17
CA LEU A 271 -3.10 11.17 19.08
C LEU A 271 -1.83 11.21 19.97
N ALA A 272 -1.83 10.42 21.02
CA ALA A 272 -0.65 10.19 21.81
C ALA A 272 0.40 9.62 20.86
N ASN A 273 1.65 10.03 21.02
CA ASN A 273 2.69 9.47 20.18
C ASN A 273 2.83 8.00 20.36
N GLY A 274 3.32 7.29 19.34
CA GLY A 274 3.66 5.92 19.47
C GLY A 274 4.97 5.80 20.32
N LYS A 275 5.28 4.59 20.76
CA LYS A 275 6.44 4.40 21.56
C LYS A 275 7.73 4.54 20.77
N TYR A 276 7.70 4.27 19.47
CA TYR A 276 8.93 4.22 18.68
C TYR A 276 8.86 5.17 17.53
N ASN A 277 9.78 6.10 17.46
CA ASN A 277 9.88 7.01 16.30
C ASN A 277 10.42 6.27 15.07
N ARG A 278 9.75 6.46 13.94
CA ARG A 278 10.07 5.69 12.72
C ARG A 278 10.12 6.50 11.48
N GLY A 279 11.21 6.35 10.72
CA GLY A 279 11.33 6.76 9.33
C GLY A 279 11.66 5.53 8.49
N PHE A 280 10.96 5.42 7.36
CA PHE A 280 11.11 4.24 6.45
C PHE A 280 10.36 3.00 6.97
N ALA A 281 9.40 3.18 7.87
CA ALA A 281 8.51 2.09 8.25
C ALA A 281 7.47 1.83 7.20
N ASN A 282 6.68 0.75 7.41
CA ASN A 282 5.52 0.47 6.62
C ASN A 282 4.32 0.33 7.52
N ALA A 283 3.15 0.74 7.04
CA ALA A 283 1.93 0.56 7.82
C ALA A 283 0.92 -0.23 7.02
N VAL A 284 0.24 -1.15 7.66
CA VAL A 284 -0.66 -2.08 7.00
C VAL A 284 -1.99 -2.09 7.72
N VAL A 285 -3.08 -1.83 7.00
CA VAL A 285 -4.43 -1.97 7.56
C VAL A 285 -4.91 -3.42 7.45
N MET A 286 -5.48 -3.91 8.54
CA MET A 286 -6.01 -5.24 8.70
C MET A 286 -7.53 -5.29 8.63
N PRO A 287 -8.10 -6.49 8.44
CA PRO A 287 -9.56 -6.53 8.24
C PRO A 287 -10.39 -5.98 9.36
N ASP A 288 -9.94 -6.04 10.60
CA ASP A 288 -10.67 -5.46 11.70
C ASP A 288 -10.49 -4.01 11.89
N GLY A 289 -9.73 -3.34 11.04
CA GLY A 289 -9.55 -1.89 11.14
C GLY A 289 -8.37 -1.44 11.92
N LYS A 290 -7.65 -2.40 12.49
CA LYS A 290 -6.41 -2.03 13.14
C LYS A 290 -5.30 -1.85 12.13
N ILE A 291 -4.22 -1.22 12.59
CA ILE A 291 -3.10 -0.89 11.71
C ILE A 291 -1.78 -1.35 12.31
N TRP A 292 -0.98 -2.07 11.56
CA TRP A 292 0.35 -2.52 12.09
C TRP A 292 1.42 -1.66 11.47
N VAL A 293 2.30 -1.15 12.32
CA VAL A 293 3.40 -0.26 11.93
C VAL A 293 4.67 -1.01 12.21
N VAL A 294 5.42 -1.32 11.15
CA VAL A 294 6.58 -2.19 11.31
C VAL A 294 7.86 -1.55 10.73
N GLY A 295 8.95 -1.71 11.48
CA GLY A 295 10.27 -1.29 11.00
C GLY A 295 10.52 0.18 11.16
N GLY A 296 11.37 0.69 10.26
CA GLY A 296 11.82 2.07 10.35
C GLY A 296 13.01 2.25 11.31
N MET A 297 13.60 3.41 11.21
CA MET A 297 14.75 3.80 12.07
C MET A 297 14.56 5.14 12.69
N GLN A 298 15.43 5.46 13.64
CA GLN A 298 15.38 6.73 14.32
C GLN A 298 16.08 7.83 13.60
N LYS A 299 17.40 7.76 13.48
CA LYS A 299 18.13 8.78 12.72
C LYS A 299 18.23 8.37 11.26
N MET A 300 17.59 9.12 10.38
CA MET A 300 17.31 8.56 9.02
C MET A 300 18.56 8.69 8.14
N TRP A 301 18.99 7.51 7.65
CA TRP A 301 20.04 7.38 6.64
C TRP A 301 19.69 6.22 5.73
N LEU A 302 20.09 6.36 4.49
CA LEU A 302 19.77 5.36 3.48
C LEU A 302 20.74 4.17 3.57
N PHE A 303 20.23 2.99 3.24
CA PHE A 303 21.09 1.79 3.09
C PHE A 303 21.86 1.52 4.38
N SER A 304 21.17 1.66 5.49
CA SER A 304 21.72 1.61 6.79
C SER A 304 20.86 0.82 7.75
N ASP A 305 21.49 -0.08 8.48
CA ASP A 305 20.89 -0.88 9.54
C ASP A 305 20.96 -0.21 10.91
N THR A 306 21.35 1.05 10.96
CA THR A 306 21.55 1.74 12.22
C THR A 306 20.20 2.23 12.81
N THR A 307 20.27 2.55 14.09
CA THR A 307 19.10 2.94 14.96
C THR A 307 17.76 2.28 14.54
N PRO A 308 17.80 0.96 14.37
CA PRO A 308 16.61 0.29 13.93
C PRO A 308 15.56 0.24 14.99
N GLN A 309 14.30 0.29 14.56
CA GLN A 309 13.18 0.02 15.43
C GLN A 309 12.76 -1.44 15.12
N LEU A 310 13.07 -2.36 16.04
CA LEU A 310 12.84 -3.78 15.86
C LEU A 310 11.55 -4.31 16.49
N THR A 311 10.83 -3.46 17.22
CA THR A 311 9.56 -3.79 17.81
C THR A 311 8.42 -3.02 17.05
N PRO A 312 7.57 -3.79 16.33
CA PRO A 312 6.43 -3.15 15.60
C PRO A 312 5.42 -2.74 16.63
N GLU A 313 4.43 -1.94 16.19
CA GLU A 313 3.30 -1.54 16.99
C GLU A 313 2.01 -1.80 16.28
N LEU A 314 1.03 -2.25 17.05
CA LEU A 314 -0.34 -2.47 16.62
C LEU A 314 -1.16 -1.27 17.07
N PHE A 315 -1.75 -0.53 16.11
CA PHE A 315 -2.51 0.66 16.45
C PHE A 315 -4.01 0.38 16.27
N ASP A 316 -4.84 0.81 17.25
CA ASP A 316 -6.28 0.63 17.22
C ASP A 316 -6.90 1.99 17.01
N PRO A 317 -7.40 2.31 15.84
CA PRO A 317 -7.94 3.66 15.61
C PRO A 317 -9.18 3.95 16.42
N ALA A 318 -9.91 2.97 16.90
CA ALA A 318 -11.11 3.25 17.72
C ALA A 318 -10.73 3.86 19.02
N THR A 319 -9.66 3.34 19.59
CA THR A 319 -9.15 3.85 20.89
C THR A 319 -7.97 4.77 20.83
N GLY A 320 -7.33 4.84 19.67
CA GLY A 320 -6.18 5.75 19.51
C GLY A 320 -4.91 5.25 20.14
N SER A 321 -4.83 3.95 20.40
CA SER A 321 -3.81 3.34 21.24
C SER A 321 -2.86 2.39 20.49
N PHE A 322 -1.59 2.44 20.86
CA PHE A 322 -0.54 1.60 20.32
C PHE A 322 -0.13 0.54 21.31
N THR A 323 0.15 -0.70 20.89
CA THR A 323 0.75 -1.73 21.70
C THR A 323 1.82 -2.40 20.93
N PRO A 324 2.92 -2.82 21.58
CA PRO A 324 3.98 -3.51 20.89
C PRO A 324 3.69 -4.93 20.48
N THR A 325 4.21 -5.39 19.39
CA THR A 325 4.04 -6.74 18.99
C THR A 325 5.41 -7.48 19.01
N THR A 326 5.47 -8.71 18.57
CA THR A 326 6.73 -9.45 18.78
C THR A 326 7.84 -8.83 17.92
N PRO A 327 8.99 -8.54 18.56
CA PRO A 327 10.10 -8.01 17.78
C PRO A 327 10.68 -8.96 16.76
N HIS A 328 11.27 -8.34 15.73
CA HIS A 328 12.02 -9.06 14.71
C HIS A 328 13.52 -8.78 15.04
N THR A 329 14.36 -9.57 14.40
CA THR A 329 15.82 -9.46 14.60
C THR A 329 16.54 -8.74 13.49
N VAL A 330 15.99 -8.77 12.30
CA VAL A 330 16.55 -8.10 11.16
C VAL A 330 15.99 -6.67 11.05
N PRO A 331 16.85 -5.66 10.89
CA PRO A 331 16.34 -4.27 10.67
C PRO A 331 15.54 -4.20 9.40
N ARG A 332 14.45 -3.43 9.42
CA ARG A 332 13.64 -3.18 8.23
C ARG A 332 13.56 -1.67 8.03
N ASN A 333 14.59 -1.15 7.41
CA ASN A 333 14.75 0.28 7.31
C ASN A 333 14.51 0.70 5.89
N TYR A 334 15.37 1.51 5.27
CA TYR A 334 15.17 1.89 3.86
C TYR A 334 15.12 0.64 2.97
N HIS A 335 14.13 0.65 2.07
CA HIS A 335 13.86 -0.41 1.11
C HIS A 335 13.21 -1.65 1.69
N SER A 336 12.67 -1.53 2.89
CA SER A 336 11.81 -2.58 3.49
C SER A 336 10.35 -2.41 3.01
N THR A 337 9.67 -3.52 3.07
CA THR A 337 8.30 -3.62 2.58
C THR A 337 7.44 -4.37 3.60
N ALA A 338 6.10 -4.11 3.56
CA ALA A 338 5.14 -4.90 4.33
C ALA A 338 3.80 -4.86 3.57
N LEU A 339 3.04 -5.95 3.68
CA LEU A 339 1.88 -6.06 2.87
C LEU A 339 0.89 -7.06 3.49
N LEU A 340 -0.39 -6.70 3.50
CA LEU A 340 -1.44 -7.64 3.94
C LEU A 340 -1.63 -8.74 2.93
N MET A 341 -1.73 -9.98 3.43
CA MET A 341 -2.03 -11.18 2.63
C MET A 341 -3.53 -11.58 2.75
N ALA A 342 -3.99 -12.42 1.83
CA ALA A 342 -5.40 -12.85 1.87
C ALA A 342 -5.67 -13.73 3.07
N ASP A 343 -4.64 -14.35 3.66
CA ASP A 343 -4.83 -15.15 4.88
C ASP A 343 -4.83 -14.30 6.12
N ALA A 344 -4.74 -12.96 5.97
CA ALA A 344 -4.80 -12.01 7.08
C ALA A 344 -3.53 -11.93 7.94
N THR A 345 -2.46 -12.59 7.47
CA THR A 345 -1.13 -12.36 7.98
C THR A 345 -0.54 -11.16 7.17
N ILE A 346 0.61 -10.69 7.65
CA ILE A 346 1.27 -9.54 7.08
C ILE A 346 2.72 -9.86 6.73
N TRP A 347 3.02 -9.77 5.48
CA TRP A 347 4.46 -9.80 5.04
C TRP A 347 5.21 -8.65 5.60
N SER A 348 6.43 -8.93 6.10
CA SER A 348 7.46 -7.90 6.46
C SER A 348 8.86 -8.37 6.01
N GLY A 349 9.49 -7.59 5.15
CA GLY A 349 10.84 -8.03 4.79
C GLY A 349 11.54 -7.01 4.01
N GLY A 350 12.63 -7.46 3.39
CA GLY A 350 13.44 -6.51 2.61
C GLY A 350 14.36 -5.63 3.42
N GLY A 351 14.80 -4.61 2.73
CA GLY A 351 15.79 -3.62 3.23
C GLY A 351 17.09 -3.81 2.47
N GLY A 352 17.73 -2.67 2.13
CA GLY A 352 19.07 -2.65 1.51
C GLY A 352 18.98 -2.44 0.01
N LEU A 353 19.53 -3.38 -0.74
CA LEU A 353 19.75 -3.28 -2.16
C LEU A 353 20.92 -2.27 -2.35
N CYS A 354 22.10 -2.69 -1.96
N CYS A 354 22.08 -2.69 -1.87
CA CYS A 354 23.22 -1.76 -1.94
CA CYS A 354 23.21 -1.80 -1.74
C CYS A 354 24.55 -2.39 -2.26
C CYS A 354 24.50 -2.24 -2.44
N GLY A 355 24.51 -3.43 -3.07
CA GLY A 355 25.71 -3.99 -3.74
C GLY A 355 25.93 -5.45 -3.47
N ALA A 356 26.81 -6.10 -4.22
CA ALA A 356 27.20 -7.48 -3.90
C ALA A 356 27.91 -7.62 -2.52
N ASN A 357 27.51 -8.62 -1.75
CA ASN A 357 28.04 -8.83 -0.40
C ASN A 357 27.88 -7.66 0.53
N CYS A 358 26.87 -6.82 0.28
N CYS A 358 26.86 -6.83 0.29
CA CYS A 358 26.60 -5.77 1.22
CA CYS A 358 26.57 -5.70 1.17
C CYS A 358 25.83 -6.34 2.39
C CYS A 358 25.81 -6.28 2.37
N LYS A 359 26.31 -6.06 3.59
CA LYS A 359 25.71 -6.58 4.76
C LYS A 359 24.30 -5.96 5.03
N GLU A 360 24.00 -4.78 4.49
CA GLU A 360 22.64 -4.21 4.63
C GLU A 360 21.62 -4.88 3.73
N ASN A 361 21.97 -5.75 2.78
CA ASN A 361 20.99 -6.41 1.96
C ASN A 361 20.27 -7.47 2.77
N HIS A 362 18.93 -7.38 2.78
CA HIS A 362 18.15 -8.42 3.44
C HIS A 362 17.20 -9.05 2.44
N PHE A 363 17.50 -10.30 2.02
CA PHE A 363 16.72 -10.98 0.96
C PHE A 363 15.48 -11.64 1.56
N ASP A 364 15.35 -11.54 2.86
CA ASP A 364 14.42 -12.33 3.59
C ASP A 364 13.25 -11.45 4.14
N GLY A 365 12.28 -12.19 4.66
CA GLY A 365 11.23 -11.63 5.46
C GLY A 365 10.45 -12.73 6.08
N GLN A 366 9.37 -12.39 6.75
CA GLN A 366 8.53 -13.36 7.45
C GLN A 366 7.10 -12.82 7.39
N PHE A 367 6.14 -13.67 7.70
CA PHE A 367 4.76 -13.29 7.80
C PHE A 367 4.39 -13.24 9.23
N TRP A 368 3.83 -12.12 9.64
CA TRP A 368 3.39 -11.95 11.01
C TRP A 368 1.88 -12.29 11.11
N SER A 369 1.56 -13.16 12.03
CA SER A 369 0.17 -13.52 12.32
C SER A 369 -0.30 -12.63 13.43
N PRO A 370 -1.32 -11.77 13.17
CA PRO A 370 -1.79 -10.93 14.21
C PRO A 370 -2.58 -11.64 15.36
N PRO A 371 -2.85 -10.96 16.47
CA PRO A 371 -3.63 -11.56 17.61
C PRO A 371 -4.95 -12.15 17.17
N TYR A 372 -5.63 -11.62 16.13
CA TYR A 372 -6.93 -12.11 15.81
C TYR A 372 -6.86 -13.52 15.22
N LEU A 373 -5.69 -14.09 14.95
CA LEU A 373 -5.59 -15.48 14.48
C LEU A 373 -5.37 -16.43 15.64
N PHE A 374 -5.41 -15.94 16.85
CA PHE A 374 -5.17 -16.78 18.05
C PHE A 374 -6.32 -16.68 18.95
N GLU A 375 -6.46 -17.73 19.78
CA GLU A 375 -7.41 -17.75 20.81
C GLU A 375 -7.06 -16.78 21.96
N ALA A 376 -7.85 -16.70 23.04
CA ALA A 376 -7.59 -15.66 24.07
C ALA A 376 -6.25 -15.84 24.81
N ASP A 377 -5.57 -16.96 24.68
CA ASP A 377 -4.23 -17.08 25.29
C ASP A 377 -3.16 -16.34 24.44
N GLY A 378 -3.53 -15.88 23.25
CA GLY A 378 -2.60 -15.27 22.30
C GLY A 378 -1.57 -16.13 21.60
N VAL A 379 -1.60 -17.47 21.84
N VAL A 379 -1.65 -17.46 21.80
CA VAL A 379 -0.67 -18.40 21.22
CA VAL A 379 -0.68 -18.40 21.31
C VAL A 379 -1.26 -19.63 20.54
C VAL A 379 -1.27 -19.62 20.57
N THR A 380 -2.50 -20.00 20.89
CA THR A 380 -3.15 -21.15 20.18
C THR A 380 -3.91 -20.63 18.91
N PRO A 381 -3.55 -21.10 17.71
CA PRO A 381 -4.24 -20.75 16.50
C PRO A 381 -5.72 -21.00 16.61
N ALA A 382 -6.50 -19.94 16.36
CA ALA A 382 -7.93 -20.04 16.37
C ALA A 382 -8.49 -20.81 15.18
N LYS A 383 -9.71 -21.35 15.45
CA LYS A 383 -10.47 -21.95 14.40
C LYS A 383 -11.11 -20.78 13.64
N ARG A 384 -10.89 -20.73 12.37
CA ARG A 384 -11.30 -19.58 11.55
C ARG A 384 -12.60 -19.90 10.88
N PRO A 385 -13.44 -18.86 10.66
CA PRO A 385 -14.58 -19.09 9.78
C PRO A 385 -14.14 -19.19 8.33
N VAL A 386 -15.03 -19.65 7.45
CA VAL A 386 -14.77 -19.88 6.06
C VAL A 386 -15.93 -19.25 5.19
N ILE A 387 -15.55 -18.50 4.16
CA ILE A 387 -16.52 -18.09 3.13
C ILE A 387 -16.66 -19.23 2.14
N GLN A 388 -17.89 -19.80 2.13
N GLN A 388 -17.82 -19.84 2.01
CA GLN A 388 -18.33 -20.89 1.26
CA GLN A 388 -17.87 -20.88 1.00
C GLN A 388 -18.71 -20.41 -0.15
C GLN A 388 -17.99 -20.32 -0.38
N SER A 389 -19.33 -19.24 -0.23
N SER A 389 -18.70 -19.18 -0.48
CA SER A 389 -19.65 -18.69 -1.57
CA SER A 389 -19.05 -18.64 -1.77
C SER A 389 -19.74 -17.15 -1.56
C SER A 389 -19.65 -17.24 -1.61
N LEU A 390 -19.54 -16.54 -2.73
CA LEU A 390 -20.00 -15.16 -2.99
C LEU A 390 -20.99 -15.27 -4.14
N SER A 391 -22.01 -14.41 -4.09
CA SER A 391 -22.96 -14.36 -5.18
C SER A 391 -22.45 -13.75 -6.42
N ASP A 392 -21.40 -12.98 -6.36
CA ASP A 392 -20.81 -12.34 -7.52
C ASP A 392 -19.43 -11.94 -7.20
N THR A 393 -18.58 -11.96 -8.20
CA THR A 393 -17.17 -11.52 -8.03
C THR A 393 -16.80 -10.32 -8.80
N ALA A 394 -17.72 -9.67 -9.45
CA ALA A 394 -17.45 -8.40 -10.10
C ALA A 394 -18.75 -7.64 -9.96
N VAL A 395 -18.71 -6.51 -9.28
CA VAL A 395 -19.92 -5.75 -9.05
C VAL A 395 -19.64 -4.29 -9.16
N ARG A 396 -20.65 -3.52 -9.47
CA ARG A 396 -20.51 -2.09 -9.56
C ARG A 396 -20.62 -1.49 -8.15
N ALA A 397 -20.32 -0.20 -8.01
CA ALA A 397 -20.60 0.53 -6.77
C ALA A 397 -22.09 0.47 -6.46
N GLY A 398 -22.36 0.24 -5.20
CA GLY A 398 -23.78 0.13 -4.74
C GLY A 398 -24.37 -1.29 -4.72
N ALA A 399 -23.70 -2.23 -5.37
CA ALA A 399 -24.31 -3.51 -5.73
C ALA A 399 -24.24 -4.42 -4.53
N PRO A 400 -25.18 -5.32 -4.43
CA PRO A 400 -25.16 -6.26 -3.37
C PRO A 400 -24.24 -7.44 -3.65
N ILE A 401 -23.70 -8.04 -2.57
CA ILE A 401 -22.98 -9.28 -2.60
C ILE A 401 -23.53 -10.11 -1.43
N THR A 402 -23.99 -11.32 -1.71
CA THR A 402 -24.35 -12.23 -0.68
C THR A 402 -23.15 -13.16 -0.40
N ILE A 403 -22.76 -13.26 0.85
CA ILE A 403 -21.62 -13.99 1.35
C ILE A 403 -22.20 -15.18 2.08
N THR A 404 -21.86 -16.39 1.70
CA THR A 404 -22.40 -17.55 2.49
C THR A 404 -21.22 -18.16 3.26
N MET A 405 -21.37 -18.19 4.57
CA MET A 405 -20.39 -18.71 5.52
C MET A 405 -20.63 -20.18 5.71
N GLN A 406 -19.55 -20.89 5.96
CA GLN A 406 -19.62 -22.34 6.24
C GLN A 406 -20.40 -22.67 7.49
N ASP A 407 -20.17 -21.93 8.56
CA ASP A 407 -20.71 -22.15 9.90
C ASP A 407 -21.63 -20.98 10.29
N ALA A 408 -22.77 -21.24 10.89
CA ALA A 408 -23.66 -20.16 11.40
C ALA A 408 -23.00 -19.37 12.45
N GLY A 409 -23.24 -18.07 12.46
CA GLY A 409 -22.77 -17.24 13.48
C GLY A 409 -23.20 -15.78 13.28
N ALA A 410 -22.69 -14.92 14.13
CA ALA A 410 -22.84 -13.48 14.03
C ALA A 410 -21.51 -12.98 13.44
N TYR A 411 -21.56 -12.46 12.23
CA TYR A 411 -20.37 -12.04 11.55
C TYR A 411 -20.36 -10.53 11.27
N THR A 412 -19.15 -9.99 11.22
CA THR A 412 -18.92 -8.66 10.61
C THR A 412 -18.02 -8.82 9.42
N PHE A 413 -17.98 -7.80 8.57
CA PHE A 413 -17.38 -7.89 7.30
C PHE A 413 -16.57 -6.63 6.95
N SER A 414 -15.58 -6.85 6.09
CA SER A 414 -14.83 -5.72 5.51
C SER A 414 -14.28 -6.07 4.18
N MET A 415 -14.03 -5.07 3.34
CA MET A 415 -13.38 -5.25 2.04
C MET A 415 -12.09 -4.43 2.08
N ILE A 416 -10.98 -5.06 1.77
CA ILE A 416 -9.68 -4.35 1.79
C ILE A 416 -9.09 -4.38 0.42
N ARG A 417 -8.77 -3.22 -0.11
CA ARG A 417 -8.31 -3.17 -1.46
C ARG A 417 -6.93 -3.81 -1.67
N VAL A 418 -6.80 -4.64 -2.70
CA VAL A 418 -5.54 -5.32 -2.98
C VAL A 418 -4.49 -4.30 -3.36
N SER A 419 -3.28 -4.50 -2.88
CA SER A 419 -2.29 -3.43 -2.95
C SER A 419 -0.86 -3.91 -3.22
N ALA A 420 0.02 -2.90 -3.23
CA ALA A 420 1.41 -3.05 -3.60
C ALA A 420 2.13 -1.93 -2.91
N THR A 421 3.43 -2.15 -2.64
CA THR A 421 4.18 -1.11 -1.94
C THR A 421 5.64 -1.11 -2.27
N THR A 422 6.24 0.08 -2.21
CA THR A 422 7.68 0.25 -2.28
C THR A 422 7.99 1.57 -1.65
N HIS A 423 9.11 1.69 -0.98
CA HIS A 423 9.58 2.98 -0.49
C HIS A 423 8.60 3.72 0.43
N THR A 424 7.86 2.93 1.21
CA THR A 424 6.87 3.40 2.19
C THR A 424 5.57 3.80 1.55
N VAL A 425 5.43 3.74 0.20
CA VAL A 425 4.28 4.29 -0.49
C VAL A 425 3.34 3.13 -0.84
N ASN A 426 2.07 3.22 -0.45
CA ASN A 426 1.05 2.25 -0.79
C ASN A 426 -0.26 3.02 -0.89
N THR A 427 -0.58 3.55 -2.07
CA THR A 427 -1.81 4.24 -2.22
C THR A 427 -3.00 3.37 -2.48
N ASP A 428 -2.73 2.10 -2.80
CA ASP A 428 -3.75 1.16 -3.19
C ASP A 428 -4.55 0.58 -2.02
N GLN A 429 -3.94 0.53 -0.82
CA GLN A 429 -4.62 -0.09 0.28
C GLN A 429 -5.65 0.87 0.92
N ARG A 430 -6.83 0.36 1.10
CA ARG A 430 -7.84 0.99 1.92
C ARG A 430 -8.79 -0.04 2.40
N ARG A 431 -9.43 0.24 3.51
CA ARG A 431 -10.42 -0.64 4.10
C ARG A 431 -11.80 0.04 4.15
N ILE A 432 -12.80 -0.72 3.77
CA ILE A 432 -14.22 -0.40 3.83
C ILE A 432 -14.89 -1.40 4.76
N PRO A 433 -15.39 -0.97 5.91
CA PRO A 433 -16.22 -1.89 6.71
C PRO A 433 -17.55 -2.08 6.06
N LEU A 434 -18.14 -3.25 6.24
CA LEU A 434 -19.43 -3.55 5.61
C LEU A 434 -20.37 -4.20 6.61
N ASP A 435 -21.58 -3.67 6.71
CA ASP A 435 -22.60 -4.29 7.60
C ASP A 435 -23.38 -5.31 6.77
N GLY A 436 -23.58 -6.54 7.25
CA GLY A 436 -24.29 -7.56 6.54
C GLY A 436 -25.69 -7.85 7.11
N GLN A 437 -26.64 -8.01 6.23
CA GLN A 437 -27.95 -8.50 6.66
C GLN A 437 -27.97 -10.05 6.63
N ASP A 438 -28.26 -10.64 7.78
CA ASP A 438 -28.38 -12.09 7.97
C ASP A 438 -29.60 -12.56 7.19
N GLY A 439 -29.40 -13.58 6.41
CA GLY A 439 -30.41 -14.21 5.58
C GLY A 439 -31.40 -15.08 6.36
N GLY A 440 -31.17 -15.32 7.63
CA GLY A 440 -32.15 -15.99 8.52
C GLY A 440 -31.59 -17.24 9.17
N ASP A 441 -30.44 -17.71 8.69
CA ASP A 441 -29.79 -18.88 9.25
C ASP A 441 -28.43 -18.65 9.87
N GLY A 442 -28.01 -17.40 9.92
CA GLY A 442 -26.68 -17.07 10.37
C GLY A 442 -25.57 -17.55 9.45
N LYS A 443 -25.88 -17.87 8.22
CA LYS A 443 -24.87 -18.33 7.23
C LYS A 443 -24.76 -17.36 6.04
N SER A 444 -25.88 -16.94 5.53
CA SER A 444 -25.84 -16.08 4.36
C SER A 444 -26.06 -14.64 4.90
N PHE A 445 -25.19 -13.71 4.44
CA PHE A 445 -25.21 -12.32 4.81
C PHE A 445 -25.10 -11.51 3.56
N THR A 446 -25.89 -10.46 3.44
CA THR A 446 -25.77 -9.66 2.25
C THR A 446 -25.26 -8.27 2.64
N VAL A 447 -24.28 -7.81 1.89
CA VAL A 447 -23.66 -6.50 2.04
C VAL A 447 -23.90 -5.72 0.77
N ASN A 448 -23.66 -4.42 0.83
CA ASN A 448 -23.62 -3.67 -0.41
C ASN A 448 -22.27 -2.94 -0.49
N VAL A 449 -21.73 -2.92 -1.69
CA VAL A 449 -20.54 -2.10 -1.96
C VAL A 449 -20.92 -0.62 -1.84
N PRO A 450 -20.08 0.25 -1.25
CA PRO A 450 -20.40 1.64 -1.22
C PRO A 450 -20.78 2.19 -2.62
N ASN A 451 -21.75 3.15 -2.59
CA ASN A 451 -22.09 3.74 -3.87
C ASN A 451 -21.14 4.73 -4.46
N ASP A 452 -20.23 5.28 -3.71
CA ASP A 452 -19.37 6.32 -4.19
C ASP A 452 -18.03 5.68 -4.58
N TYR A 453 -17.64 5.86 -5.84
CA TYR A 453 -16.38 5.36 -6.33
C TYR A 453 -15.18 6.05 -5.72
N GLY A 454 -15.36 7.17 -5.03
CA GLY A 454 -14.28 7.77 -4.28
C GLY A 454 -13.94 7.07 -3.01
N VAL A 455 -14.91 6.26 -2.55
CA VAL A 455 -14.80 5.40 -1.41
C VAL A 455 -14.33 4.01 -1.91
N ALA A 456 -15.13 3.37 -2.76
CA ALA A 456 -14.83 2.09 -3.34
C ALA A 456 -14.15 2.33 -4.66
N ILE A 457 -12.88 2.70 -4.57
CA ILE A 457 -12.03 2.84 -5.76
C ILE A 457 -12.11 1.53 -6.57
N PRO A 458 -12.32 1.61 -7.89
CA PRO A 458 -12.38 0.39 -8.68
C PRO A 458 -11.20 -0.50 -8.56
N GLY A 459 -11.43 -1.77 -8.73
CA GLY A 459 -10.37 -2.74 -8.65
C GLY A 459 -10.67 -3.89 -7.73
N TYR A 460 -9.67 -4.70 -7.49
CA TYR A 460 -9.77 -5.87 -6.68
C TYR A 460 -9.68 -5.57 -5.19
N TYR A 461 -10.52 -6.33 -4.42
CA TYR A 461 -10.59 -6.28 -2.99
C TYR A 461 -10.59 -7.68 -2.47
N MET A 462 -10.12 -7.79 -1.23
CA MET A 462 -10.27 -8.98 -0.39
C MET A 462 -11.50 -8.79 0.50
N LEU A 463 -12.40 -9.76 0.50
N LEU A 463 -12.45 -9.73 0.46
CA LEU A 463 -13.57 -9.72 1.35
CA LEU A 463 -13.60 -9.72 1.35
C LEU A 463 -13.37 -10.64 2.53
C LEU A 463 -13.23 -10.61 2.52
N PHE A 464 -13.24 -10.03 3.70
CA PHE A 464 -13.11 -10.72 4.99
C PHE A 464 -14.37 -10.76 5.79
N ALA A 465 -14.58 -11.90 6.44
CA ALA A 465 -15.66 -12.08 7.37
C ALA A 465 -15.01 -12.42 8.70
N MET A 466 -15.44 -11.75 9.76
N MET A 466 -15.48 -11.80 9.76
CA MET A 466 -14.95 -11.94 11.13
CA MET A 466 -14.94 -11.97 11.10
C MET A 466 -16.09 -12.57 11.92
C MET A 466 -16.06 -12.51 11.99
N ASN A 467 -15.79 -13.64 12.69
CA ASN A 467 -16.73 -14.16 13.62
C ASN A 467 -16.89 -13.24 14.83
N GLU A 468 -17.77 -13.65 15.73
CA GLU A 468 -18.15 -12.82 16.83
C GLU A 468 -16.97 -12.51 17.74
N ALA A 469 -15.99 -13.42 17.84
CA ALA A 469 -14.77 -13.17 18.61
C ALA A 469 -13.77 -12.30 17.86
N GLY A 470 -14.00 -12.02 16.58
CA GLY A 470 -13.08 -11.19 15.84
C GLY A 470 -12.12 -11.93 14.93
N VAL A 471 -12.23 -13.25 14.81
CA VAL A 471 -11.33 -13.98 13.99
C VAL A 471 -11.73 -13.93 12.53
N PRO A 472 -10.82 -13.50 11.61
CA PRO A 472 -11.17 -13.43 10.22
C PRO A 472 -10.99 -14.71 9.47
N CYS A 473 -11.85 -14.91 8.48
CA CYS A 473 -11.63 -15.92 7.48
C CYS A 473 -10.41 -15.60 6.63
N VAL A 474 -9.99 -16.55 5.78
CA VAL A 474 -9.11 -16.25 4.66
C VAL A 474 -9.99 -15.57 3.61
N ALA A 475 -9.52 -14.50 3.03
CA ALA A 475 -10.38 -13.69 2.15
C ALA A 475 -10.68 -14.28 0.86
N GLN A 476 -11.84 -13.86 0.31
CA GLN A 476 -12.18 -14.13 -1.09
C GLN A 476 -12.02 -12.89 -1.90
N PHE A 477 -11.57 -13.05 -3.13
CA PHE A 477 -11.32 -11.88 -3.98
C PHE A 477 -12.53 -11.50 -4.79
N PHE A 478 -12.73 -10.22 -5.01
CA PHE A 478 -13.73 -9.76 -5.90
C PHE A 478 -13.30 -8.39 -6.45
N LYS A 479 -13.97 -7.91 -7.50
CA LYS A 479 -13.67 -6.56 -8.03
C LYS A 479 -14.84 -5.65 -8.11
N VAL A 480 -14.55 -4.39 -7.90
CA VAL A 480 -15.48 -3.32 -8.05
C VAL A 480 -15.23 -2.76 -9.42
N THR A 481 -16.30 -2.80 -10.25
CA THR A 481 -16.19 -2.39 -11.65
C THR A 481 -16.83 -1.04 -11.85
N LEU A 482 -16.34 -0.34 -12.89
CA LEU A 482 -16.94 0.93 -13.30
C LEU A 482 -18.20 0.67 -14.15
N HIS A 483 -19.05 1.68 -14.26
CA HIS A 483 -20.04 1.69 -15.37
C HIS A 483 -19.33 1.91 -16.71
#